data_7W6Q
#
_entry.id   7W6Q
#
_cell.length_a   52.705
_cell.length_b   56.219
_cell.length_c   100.628
_cell.angle_alpha   90.000
_cell.angle_beta   93.790
_cell.angle_gamma   90.000
#
_symmetry.space_group_name_H-M   'P 1 21 1'
#
loop_
_entity.id
_entity.type
_entity.pdbx_description
1 polymer PSH1
2 non-polymer '4-(2-hydroxyethylcarbamoyl)benzoic acid'
3 water water
#
_entity_poly.entity_id   1
_entity_poly.type   'polypeptide(L)'
_entity_poly.pdbx_seq_one_letter_code
;ANPYERGPDPTESSIEAVRGPFAVAQTTVSRLQADGFGGGTIYYPTDTSQGTFGAVAISPGFTAGQESIAWLGPRIASQG
FVVITIDTITRLDQPDSRGRQLQAALDHLRTNSVVRNRIDPNRMAVMGHSMGGGGALSAAANNTSLEAAIPLQGWHTRKN
WSSVRTPTLVVGAQLDTIAPVSSHSEAFYNSLPSDLDKAYMELRGASHLVSNTPDTTTAKYSIAWLKRFVDDDLRYEQFL
CPAPDDFAISEYRSTCPF
;
_entity_poly.pdbx_strand_id   A,B
#
loop_
_chem_comp.id
_chem_comp.type
_chem_comp.name
_chem_comp.formula
J1K non-polymer '4-(2-hydroxyethylcarbamoyl)benzoic acid' 'C10 H11 N O4'
#
# COMPACT_ATOMS: atom_id res chain seq x y z
N ASN A 2 -2.90 13.09 38.01
CA ASN A 2 -2.43 13.29 36.65
C ASN A 2 -3.32 14.28 35.91
N PRO A 3 -2.81 15.49 35.67
CA PRO A 3 -3.60 16.51 34.97
C PRO A 3 -3.71 16.28 33.47
N TYR A 4 -2.94 15.36 32.90
CA TYR A 4 -2.94 15.13 31.47
C TYR A 4 -3.93 14.07 31.03
N GLU A 5 -4.66 13.45 31.96
CA GLU A 5 -5.63 12.43 31.61
C GLU A 5 -6.79 13.06 30.85
N ARG A 6 -7.15 12.46 29.71
CA ARG A 6 -8.22 12.96 28.87
C ARG A 6 -9.18 11.83 28.54
N GLY A 7 -10.48 12.14 28.59
CA GLY A 7 -11.50 11.18 28.22
C GLY A 7 -11.80 10.18 29.31
N PRO A 8 -12.85 9.39 29.11
CA PRO A 8 -13.23 8.39 30.11
C PRO A 8 -12.23 7.25 30.20
N ASP A 9 -12.44 6.41 31.22
CA ASP A 9 -11.59 5.26 31.43
C ASP A 9 -11.63 4.34 30.22
N PRO A 10 -10.50 3.75 29.83
CA PRO A 10 -10.46 2.95 28.61
C PRO A 10 -10.93 1.52 28.82
N THR A 11 -11.51 0.97 27.77
CA THR A 11 -11.79 -0.45 27.64
C THR A 11 -11.13 -0.95 26.36
N GLU A 12 -11.32 -2.24 26.07
CA GLU A 12 -10.84 -2.76 24.80
C GLU A 12 -11.58 -2.14 23.63
N SER A 13 -12.90 -2.00 23.75
CA SER A 13 -13.68 -1.40 22.67
C SER A 13 -13.30 0.07 22.45
N SER A 14 -12.99 0.78 23.53
CA SER A 14 -12.70 2.21 23.41
C SER A 14 -11.39 2.45 22.67
N ILE A 15 -10.35 1.67 22.98
CA ILE A 15 -9.09 1.81 22.25
C ILE A 15 -9.19 1.23 20.85
N GLU A 16 -10.21 0.41 20.58
CA GLU A 16 -10.42 -0.15 19.25
C GLU A 16 -11.31 0.72 18.38
N ALA A 17 -12.01 1.69 18.97
CA ALA A 17 -12.97 2.48 18.21
C ALA A 17 -12.28 3.26 17.08
N VAL A 18 -12.97 3.36 15.94
CA VAL A 18 -12.45 4.13 14.82
C VAL A 18 -12.32 5.59 15.20
N ARG A 19 -13.33 6.14 15.87
CA ARG A 19 -13.29 7.48 16.44
C ARG A 19 -13.60 7.39 17.92
N GLY A 20 -12.77 8.03 18.74
CA GLY A 20 -12.97 8.07 20.17
C GLY A 20 -14.01 9.09 20.57
N PRO A 21 -13.92 9.57 21.81
CA PRO A 21 -14.96 10.50 22.29
C PRO A 21 -14.84 11.89 21.71
N PHE A 22 -13.63 12.40 21.54
CA PHE A 22 -13.44 13.79 21.13
C PHE A 22 -13.78 13.96 19.66
N ALA A 23 -14.72 14.86 19.36
CA ALA A 23 -14.98 15.24 17.99
C ALA A 23 -13.76 15.95 17.42
N VAL A 24 -13.43 15.63 16.16
CA VAL A 24 -12.19 16.09 15.56
C VAL A 24 -12.49 17.04 14.40
N ALA A 25 -11.57 17.98 14.20
CA ALA A 25 -11.55 18.85 13.03
C ALA A 25 -10.15 18.81 12.45
N GLN A 26 -10.01 19.31 11.22
CA GLN A 26 -8.73 19.23 10.52
C GLN A 26 -8.42 20.54 9.81
N THR A 27 -7.15 20.91 9.81
CA THR A 27 -6.65 22.04 9.04
C THR A 27 -5.46 21.58 8.20
N THR A 28 -5.22 22.29 7.11
CA THR A 28 -4.17 21.94 6.16
C THR A 28 -3.02 22.93 6.24
N VAL A 29 -1.80 22.40 6.14
CA VAL A 29 -0.59 23.21 6.04
C VAL A 29 -0.02 22.97 4.66
N SER A 30 -0.01 24.03 3.84
CA SER A 30 0.44 23.90 2.47
C SER A 30 1.95 23.64 2.41
N ARG A 31 2.42 23.23 1.23
CA ARG A 31 3.84 23.02 1.02
C ARG A 31 4.63 24.30 1.25
N LEU A 32 4.06 25.45 0.88
CA LEU A 32 4.74 26.72 1.10
C LEU A 32 4.70 27.13 2.56
N GLN A 33 3.59 26.86 3.24
CA GLN A 33 3.43 27.23 4.65
C GLN A 33 4.38 26.47 5.57
N ALA A 34 5.00 25.39 5.10
CA ALA A 34 5.73 24.47 5.95
C ALA A 34 7.23 24.76 5.87
N ASP A 35 7.83 25.07 7.01
CA ASP A 35 9.27 25.26 7.12
C ASP A 35 9.88 23.95 7.63
N GLY A 36 10.56 23.24 6.75
CA GLY A 36 11.24 22.00 7.13
C GLY A 36 10.53 20.73 6.74
N PHE A 37 9.38 20.81 6.07
CA PHE A 37 8.68 19.62 5.60
C PHE A 37 7.77 20.03 4.45
N GLY A 38 7.11 19.03 3.86
CA GLY A 38 6.34 19.24 2.66
C GLY A 38 4.87 19.54 2.90
N GLY A 39 4.53 19.93 4.11
CA GLY A 39 3.15 20.23 4.47
C GLY A 39 2.48 19.05 5.15
N GLY A 40 1.17 19.19 5.33
CA GLY A 40 0.40 18.13 5.93
C GLY A 40 -0.96 18.60 6.41
N THR A 41 -1.68 17.67 7.04
CA THR A 41 -3.00 17.90 7.59
C THR A 41 -2.95 17.71 9.10
N ILE A 42 -3.44 18.70 9.83
CA ILE A 42 -3.46 18.67 11.29
C ILE A 42 -4.87 18.31 11.75
N TYR A 43 -4.99 17.22 12.50
CA TYR A 43 -6.24 16.80 13.11
C TYR A 43 -6.20 17.10 14.60
N TYR A 44 -7.28 17.67 15.12
CA TYR A 44 -7.29 18.16 16.50
C TYR A 44 -8.68 17.98 17.10
N PRO A 45 -8.76 17.79 18.41
CA PRO A 45 -10.09 17.74 19.06
C PRO A 45 -10.65 19.13 19.26
N THR A 46 -11.97 19.25 19.07
CA THR A 46 -12.62 20.55 19.19
C THR A 46 -12.94 20.88 20.65
N ASP A 47 -13.27 19.87 21.45
CA ASP A 47 -13.53 20.09 22.87
C ASP A 47 -12.24 20.45 23.58
N THR A 48 -12.13 21.69 24.02
CA THR A 48 -10.96 22.18 24.75
C THR A 48 -11.20 22.26 26.25
N SER A 49 -12.36 21.83 26.73
CA SER A 49 -12.74 22.05 28.13
C SER A 49 -11.87 21.26 29.09
N GLN A 50 -11.32 20.13 28.67
CA GLN A 50 -10.47 19.35 29.55
C GLN A 50 -9.02 19.82 29.57
N GLY A 51 -8.64 20.73 28.67
CA GLY A 51 -7.30 21.28 28.62
C GLY A 51 -6.65 21.03 27.28
N THR A 52 -5.33 21.25 27.25
CA THR A 52 -4.55 21.06 26.04
C THR A 52 -4.22 19.57 25.84
N PHE A 53 -3.79 19.24 24.63
CA PHE A 53 -3.51 17.86 24.25
C PHE A 53 -2.06 17.71 23.82
N GLY A 54 -1.60 16.46 23.82
CA GLY A 54 -0.30 16.15 23.27
C GLY A 54 -0.31 16.22 21.75
N ALA A 55 0.89 16.26 21.18
CA ALA A 55 1.06 16.40 19.73
C ALA A 55 1.78 15.18 19.18
N VAL A 56 1.34 14.73 18.00
CA VAL A 56 1.92 13.58 17.31
C VAL A 56 2.11 13.93 15.85
N ALA A 57 3.27 13.56 15.31
CA ALA A 57 3.58 13.73 13.89
C ALA A 57 3.87 12.37 13.28
N ILE A 58 3.28 12.13 12.10
CA ILE A 58 3.38 10.84 11.42
C ILE A 58 3.96 11.07 10.04
N SER A 59 4.92 10.24 9.64
CA SER A 59 5.60 10.36 8.36
C SER A 59 5.31 9.15 7.48
N PRO A 60 5.16 9.35 6.17
CA PRO A 60 4.99 8.20 5.27
C PRO A 60 6.33 7.63 4.82
N GLY A 61 6.30 6.67 3.90
CA GLY A 61 7.48 5.99 3.43
C GLY A 61 7.97 6.51 2.09
N PHE A 62 8.91 5.75 1.52
CA PHE A 62 9.50 6.08 0.23
C PHE A 62 8.43 6.30 -0.83
N THR A 63 8.51 7.45 -1.51
CA THR A 63 7.61 7.83 -2.59
C THR A 63 6.16 7.89 -2.16
N ALA A 64 5.89 7.66 -0.87
CA ALA A 64 4.52 7.72 -0.38
C ALA A 64 4.16 9.15 0.02
N GLY A 65 2.84 9.39 0.09
CA GLY A 65 2.35 10.69 0.49
C GLY A 65 1.51 10.62 1.75
N GLN A 66 0.62 11.60 1.94
CA GLN A 66 -0.17 11.65 3.16
C GLN A 66 -1.19 10.53 3.24
N GLU A 67 -1.76 10.10 2.10
CA GLU A 67 -2.91 9.21 2.15
C GLU A 67 -2.55 7.79 2.55
N SER A 68 -1.27 7.43 2.54
CA SER A 68 -0.87 6.13 3.06
C SER A 68 -1.03 6.05 4.57
N ILE A 69 -1.03 7.20 5.25
CA ILE A 69 -1.11 7.26 6.71
C ILE A 69 -2.26 8.13 7.18
N ALA A 70 -3.10 8.64 6.27
CA ALA A 70 -4.10 9.63 6.64
C ALA A 70 -5.08 9.07 7.66
N TRP A 71 -5.44 7.80 7.55
CA TRP A 71 -6.42 7.21 8.46
C TRP A 71 -5.96 7.21 9.90
N LEU A 72 -4.66 7.38 10.15
CA LEU A 72 -4.16 7.43 11.52
C LEU A 72 -4.41 8.78 12.18
N GLY A 73 -4.47 9.85 11.39
CA GLY A 73 -4.68 11.18 11.89
C GLY A 73 -5.93 11.31 12.75
N PRO A 74 -7.10 11.15 12.15
CA PRO A 74 -8.34 11.30 12.93
C PRO A 74 -8.53 10.21 13.97
N ARG A 75 -8.15 8.97 13.66
CA ARG A 75 -8.33 7.87 14.61
C ARG A 75 -7.60 8.15 15.92
N ILE A 76 -6.32 8.53 15.83
CA ILE A 76 -5.56 8.84 17.04
C ILE A 76 -6.06 10.13 17.67
N ALA A 77 -6.31 11.16 16.85
CA ALA A 77 -6.72 12.45 17.38
C ALA A 77 -8.06 12.37 18.11
N SER A 78 -8.95 11.49 17.67
CA SER A 78 -10.25 11.34 18.32
C SER A 78 -10.13 10.82 19.75
N GLN A 79 -8.97 10.31 20.14
CA GLN A 79 -8.74 9.93 21.53
C GLN A 79 -8.28 11.09 22.38
N GLY A 80 -7.93 12.22 21.77
CA GLY A 80 -7.46 13.38 22.53
C GLY A 80 -6.03 13.75 22.20
N PHE A 81 -5.75 13.98 20.92
CA PHE A 81 -4.40 14.32 20.49
C PHE A 81 -4.47 15.27 19.31
N VAL A 82 -3.40 16.03 19.11
CA VAL A 82 -3.21 16.84 17.92
C VAL A 82 -2.25 16.09 17.02
N VAL A 83 -2.75 15.65 15.86
CA VAL A 83 -2.01 14.76 14.98
C VAL A 83 -1.87 15.43 13.62
N ILE A 84 -0.63 15.59 13.17
CA ILE A 84 -0.34 16.10 11.83
C ILE A 84 0.31 14.98 11.03
N THR A 85 -0.34 14.59 9.93
CA THR A 85 0.25 13.68 8.96
C THR A 85 0.96 14.52 7.91
N ILE A 86 2.22 14.19 7.63
CA ILE A 86 3.08 15.07 6.84
C ILE A 86 3.32 14.48 5.46
N ASP A 87 3.61 15.37 4.52
CA ASP A 87 4.27 15.03 3.28
C ASP A 87 5.75 15.40 3.38
N THR A 88 6.59 14.62 2.72
CA THR A 88 8.01 14.93 2.75
C THR A 88 8.34 16.00 1.71
N ILE A 89 9.53 16.60 1.87
CA ILE A 89 9.95 17.66 0.96
C ILE A 89 10.10 17.14 -0.46
N THR A 90 10.82 16.02 -0.62
CA THR A 90 10.85 15.29 -1.87
C THR A 90 10.35 13.88 -1.62
N ARG A 91 9.93 13.22 -2.71
CA ARG A 91 9.43 11.85 -2.59
C ARG A 91 10.52 10.85 -2.27
N LEU A 92 11.79 11.23 -2.39
CA LEU A 92 12.92 10.33 -2.23
C LEU A 92 13.68 10.55 -0.93
N ASP A 93 13.13 11.34 0.00
CA ASP A 93 13.83 11.67 1.23
C ASP A 93 14.13 10.41 2.04
N GLN A 94 15.32 10.37 2.60
CA GLN A 94 15.81 9.21 3.34
C GLN A 94 15.39 9.29 4.80
N PRO A 95 15.56 8.20 5.59
CA PRO A 95 15.06 8.19 6.98
C PRO A 95 15.59 9.30 7.90
N ASP A 96 16.88 9.65 7.78
CA ASP A 96 17.47 10.77 8.56
C ASP A 96 16.75 12.10 8.23
N SER A 97 16.46 12.36 6.95
CA SER A 97 15.72 13.58 6.53
C SER A 97 14.28 13.52 7.07
N ARG A 98 13.69 12.34 7.02
CA ARG A 98 12.29 12.12 7.49
C ARG A 98 12.14 12.45 8.99
N GLY A 99 13.15 12.13 9.80
CA GLY A 99 13.15 12.49 11.24
C GLY A 99 13.21 13.99 11.50
N ARG A 100 13.77 14.74 10.58
CA ARG A 100 13.82 16.23 10.70
C ARG A 100 12.47 16.82 10.32
N GLN A 101 11.91 16.30 9.24
CA GLN A 101 10.62 16.81 8.75
C GLN A 101 9.56 16.51 9.82
N LEU A 102 9.74 15.40 10.53
CA LEU A 102 8.84 15.11 11.67
C LEU A 102 9.04 16.15 12.79
N GLN A 103 10.30 16.52 13.09
CA GLN A 103 10.58 17.52 14.17
C GLN A 103 10.11 18.91 13.72
N ALA A 104 10.34 19.24 12.45
CA ALA A 104 9.88 20.53 11.89
C ALA A 104 8.34 20.56 11.89
N ALA A 105 7.70 19.43 11.58
CA ALA A 105 6.24 19.43 11.67
C ALA A 105 5.78 19.63 13.10
N LEU A 106 6.47 19.00 14.06
CA LEU A 106 6.15 19.23 15.47
C LEU A 106 6.34 20.69 15.84
N ASP A 107 7.50 21.26 15.51
CA ASP A 107 7.78 22.66 15.84
C ASP A 107 6.77 23.59 15.17
N HIS A 108 6.38 23.28 13.93
CA HIS A 108 5.38 24.09 13.26
C HIS A 108 4.08 24.15 14.06
N LEU A 109 3.80 23.10 14.83
CA LEU A 109 2.60 23.10 15.66
C LEU A 109 2.69 24.12 16.80
N ARG A 110 3.92 24.43 17.25
CA ARG A 110 4.09 25.42 18.30
C ARG A 110 3.55 26.78 17.89
N THR A 111 3.64 27.12 16.61
CA THR A 111 3.22 28.43 16.13
C THR A 111 2.01 28.38 15.21
N ASN A 112 1.42 27.21 14.99
CA ASN A 112 0.24 27.12 14.13
C ASN A 112 -0.94 27.82 14.80
N SER A 113 -1.62 28.67 14.04
CA SER A 113 -2.62 29.56 14.63
C SER A 113 -3.82 28.78 15.17
N VAL A 114 -4.35 27.83 14.39
CA VAL A 114 -5.56 27.12 14.79
C VAL A 114 -5.31 26.11 15.88
N VAL A 115 -4.06 25.77 16.18
CA VAL A 115 -3.75 24.63 17.04
C VAL A 115 -2.95 24.99 18.28
N ARG A 116 -2.12 26.05 18.21
CA ARG A 116 -1.14 26.26 19.28
C ARG A 116 -1.78 26.50 20.64
N ASN A 117 -3.03 26.98 20.68
CA ASN A 117 -3.75 27.06 21.94
C ASN A 117 -4.32 25.71 22.37
N ARG A 118 -4.31 24.71 21.50
CA ARG A 118 -4.82 23.38 21.80
C ARG A 118 -3.73 22.38 22.13
N ILE A 119 -2.47 22.81 22.20
CA ILE A 119 -1.34 21.91 22.27
C ILE A 119 -0.55 22.16 23.55
N ASP A 120 -0.11 21.09 24.19
CA ASP A 120 0.93 21.14 25.20
C ASP A 120 2.27 20.91 24.51
N PRO A 121 3.04 21.97 24.23
CA PRO A 121 4.26 21.81 23.44
C PRO A 121 5.35 20.99 24.13
N ASN A 122 5.18 20.65 25.40
CA ASN A 122 6.18 19.88 26.14
C ASN A 122 5.97 18.38 26.05
N ARG A 123 4.89 17.93 25.40
CA ARG A 123 4.55 16.51 25.32
C ARG A 123 4.27 16.17 23.86
N MET A 124 5.28 15.69 23.15
CA MET A 124 5.19 15.42 21.72
C MET A 124 5.71 14.02 21.41
N ALA A 125 5.19 13.44 20.32
CA ALA A 125 5.57 12.09 19.90
C ALA A 125 5.64 12.05 18.38
N VAL A 126 6.35 11.04 17.87
CA VAL A 126 6.58 10.88 16.44
C VAL A 126 6.20 9.46 16.02
N MET A 127 5.77 9.33 14.77
CA MET A 127 5.33 8.05 14.21
C MET A 127 5.72 7.99 12.75
N GLY A 128 5.67 6.79 12.18
CA GLY A 128 6.00 6.64 10.77
C GLY A 128 5.95 5.22 10.24
N HIS A 129 5.70 5.09 8.93
CA HIS A 129 5.65 3.81 8.25
C HIS A 129 6.89 3.64 7.38
N SER A 130 7.56 2.49 7.51
CA SER A 130 8.73 2.13 6.71
C SER A 130 9.81 3.17 6.93
N MET A 131 10.24 3.90 5.90
CA MET A 131 11.29 4.91 6.08
C MET A 131 10.83 6.02 7.02
N GLY A 132 9.52 6.30 7.04
CA GLY A 132 9.00 7.22 8.03
C GLY A 132 9.11 6.67 9.44
N GLY A 133 9.07 5.34 9.58
CA GLY A 133 9.32 4.75 10.89
C GLY A 133 10.78 4.85 11.29
N GLY A 134 11.69 4.61 10.34
CA GLY A 134 13.09 4.87 10.61
C GLY A 134 13.35 6.33 10.93
N GLY A 135 12.60 7.23 10.29
CA GLY A 135 12.68 8.63 10.64
C GLY A 135 12.21 8.91 12.06
N ALA A 136 11.11 8.27 12.46
CA ALA A 136 10.61 8.42 13.82
C ALA A 136 11.67 8.02 14.85
N LEU A 137 12.49 7.03 14.52
CA LEU A 137 13.57 6.65 15.42
C LEU A 137 14.69 7.69 15.42
N SER A 138 15.02 8.23 14.23
CA SER A 138 16.04 9.26 14.15
C SER A 138 15.61 10.54 14.86
N ALA A 139 14.32 10.87 14.82
CA ALA A 139 13.84 12.04 15.52
C ALA A 139 13.96 11.87 17.03
N ALA A 140 13.71 10.65 17.53
CA ALA A 140 13.92 10.38 18.95
C ALA A 140 15.40 10.37 19.29
N ALA A 141 16.22 9.77 18.42
CA ALA A 141 17.67 9.79 18.60
C ALA A 141 18.28 11.16 18.41
N ASN A 142 17.47 12.20 18.21
CA ASN A 142 17.97 13.56 18.08
C ASN A 142 17.11 14.55 18.88
N ASN A 143 16.35 14.04 19.86
CA ASN A 143 15.51 14.87 20.71
C ASN A 143 15.03 14.06 21.91
N THR A 144 15.82 14.04 22.99
CA THR A 144 15.52 13.22 24.15
C THR A 144 14.31 13.69 24.94
N SER A 145 13.68 14.80 24.54
CA SER A 145 12.47 15.29 25.19
C SER A 145 11.19 14.71 24.59
N LEU A 146 11.27 14.04 23.45
CA LEU A 146 10.10 13.42 22.87
C LEU A 146 9.55 12.34 23.80
N GLU A 147 8.22 12.24 23.87
CA GLU A 147 7.59 11.38 24.86
C GLU A 147 7.33 9.97 24.34
N ALA A 148 7.09 9.80 23.04
CA ALA A 148 6.85 8.48 22.48
C ALA A 148 7.34 8.44 21.05
N ALA A 149 7.68 7.24 20.60
CA ALA A 149 8.07 7.00 19.21
C ALA A 149 7.53 5.63 18.79
N ILE A 150 6.91 5.58 17.61
CA ILE A 150 6.32 4.34 17.12
C ILE A 150 6.68 4.14 15.65
N PRO A 151 7.75 3.41 15.33
CA PRO A 151 8.00 3.04 13.93
C PRO A 151 7.12 1.86 13.54
N LEU A 152 6.34 2.04 12.48
CA LEU A 152 5.43 1.00 11.97
C LEU A 152 6.12 0.32 10.79
N GLN A 153 6.57 -0.92 10.99
CA GLN A 153 7.33 -1.66 9.99
C GLN A 153 8.50 -0.81 9.49
N GLY A 154 9.23 -0.23 10.44
CA GLY A 154 10.21 0.78 10.10
C GLY A 154 11.36 0.22 9.28
N TRP A 155 11.97 1.09 8.51
CA TRP A 155 13.11 0.76 7.66
C TRP A 155 14.23 1.76 7.93
N HIS A 156 15.45 1.25 8.06
CA HIS A 156 16.60 2.09 8.33
C HIS A 156 17.87 1.27 8.19
N THR A 157 18.89 1.86 7.56
CA THR A 157 20.20 1.23 7.51
C THR A 157 20.91 1.29 8.86
N ARG A 158 20.47 2.16 9.76
CA ARG A 158 21.03 2.28 11.10
C ARG A 158 20.38 1.25 12.01
N LYS A 159 21.18 0.35 12.57
CA LYS A 159 20.65 -0.73 13.39
C LYS A 159 20.83 -0.48 14.89
N ASN A 160 21.76 0.37 15.29
CA ASN A 160 22.07 0.59 16.70
C ASN A 160 21.38 1.87 17.16
N TRP A 161 20.46 1.73 18.12
CA TRP A 161 19.66 2.84 18.63
C TRP A 161 19.83 2.98 20.14
N SER A 162 21.05 2.73 20.63
CA SER A 162 21.33 2.80 22.06
C SER A 162 21.32 4.22 22.61
N SER A 163 20.99 5.22 21.79
CA SER A 163 20.91 6.60 22.26
C SER A 163 19.47 7.11 22.39
N VAL A 164 18.48 6.32 21.99
CA VAL A 164 17.09 6.71 22.17
C VAL A 164 16.75 6.69 23.65
N ARG A 165 16.18 7.79 24.15
CA ARG A 165 15.70 7.88 25.52
C ARG A 165 14.19 8.02 25.60
N THR A 166 13.51 7.88 24.48
CA THR A 166 12.08 8.06 24.35
C THR A 166 11.38 6.72 24.35
N PRO A 167 10.35 6.50 25.21
CA PRO A 167 9.62 5.24 25.18
C PRO A 167 9.12 4.89 23.78
N THR A 168 9.53 3.72 23.28
CA THR A 168 9.38 3.38 21.87
C THR A 168 8.61 2.08 21.71
N LEU A 169 7.63 2.09 20.80
CA LEU A 169 6.85 0.90 20.44
C LEU A 169 7.21 0.50 19.02
N VAL A 170 7.83 -0.67 18.88
CA VAL A 170 8.29 -1.17 17.59
C VAL A 170 7.23 -2.11 17.05
N VAL A 171 6.54 -1.67 15.99
CA VAL A 171 5.47 -2.45 15.39
C VAL A 171 6.00 -3.03 14.09
N GLY A 172 6.29 -4.33 14.10
CA GLY A 172 6.72 -5.03 12.91
C GLY A 172 5.62 -5.88 12.32
N ALA A 173 5.76 -6.19 11.03
CA ALA A 173 4.87 -7.08 10.34
C ALA A 173 5.54 -8.44 10.17
N GLN A 174 4.84 -9.50 10.56
CA GLN A 174 5.44 -10.83 10.57
C GLN A 174 5.95 -11.22 9.17
N LEU A 175 5.13 -11.01 8.15
CA LEU A 175 5.48 -11.35 6.77
C LEU A 175 5.98 -10.13 6.00
N ASP A 176 6.84 -9.32 6.61
CA ASP A 176 7.41 -8.17 5.94
C ASP A 176 8.63 -8.61 5.12
N THR A 177 8.60 -8.36 3.82
CA THR A 177 9.77 -8.54 2.96
C THR A 177 10.49 -7.24 2.65
N ILE A 178 9.76 -6.11 2.62
CA ILE A 178 10.38 -4.84 2.31
C ILE A 178 11.30 -4.40 3.44
N ALA A 179 10.84 -4.52 4.68
CA ALA A 179 11.66 -4.25 5.86
C ALA A 179 11.44 -5.38 6.85
N PRO A 180 12.08 -6.54 6.62
CA PRO A 180 11.83 -7.70 7.49
C PRO A 180 12.22 -7.41 8.93
N VAL A 181 11.41 -7.93 9.86
CA VAL A 181 11.59 -7.62 11.28
C VAL A 181 12.92 -8.14 11.79
N SER A 182 13.46 -9.19 11.16
CA SER A 182 14.68 -9.83 11.69
C SER A 182 15.87 -8.87 11.62
N SER A 183 16.04 -8.19 10.49
CA SER A 183 17.15 -7.26 10.32
C SER A 183 16.75 -5.81 10.57
N HIS A 184 15.47 -5.54 10.84
CA HIS A 184 15.02 -4.18 11.03
C HIS A 184 14.34 -3.99 12.38
N SER A 185 13.04 -4.27 12.45
CA SER A 185 12.24 -3.96 13.63
C SER A 185 12.82 -4.60 14.89
N GLU A 186 13.06 -5.92 14.85
CA GLU A 186 13.62 -6.59 16.00
C GLU A 186 15.03 -6.11 16.31
N ALA A 187 15.81 -5.81 15.26
CA ALA A 187 17.14 -5.25 15.47
C ALA A 187 17.05 -3.87 16.12
N PHE A 188 15.98 -3.12 15.86
CA PHE A 188 15.80 -1.83 16.52
C PHE A 188 15.47 -2.01 17.99
N TYR A 189 14.54 -2.92 18.31
CA TYR A 189 14.14 -3.13 19.69
C TYR A 189 15.31 -3.66 20.52
N ASN A 190 16.13 -4.53 19.94
CA ASN A 190 17.20 -5.15 20.71
C ASN A 190 18.31 -4.14 21.06
N SER A 191 18.57 -3.18 20.18
CA SER A 191 19.61 -2.19 20.41
C SER A 191 19.12 -0.99 21.20
N LEU A 192 17.82 -0.85 21.42
CA LEU A 192 17.32 0.16 22.33
C LEU A 192 17.84 -0.13 23.74
N PRO A 193 17.97 0.90 24.58
CA PRO A 193 18.42 0.67 25.96
C PRO A 193 17.55 -0.36 26.66
N SER A 194 18.21 -1.33 27.31
CA SER A 194 17.49 -2.38 28.02
C SER A 194 16.67 -1.85 29.17
N ASP A 195 17.00 -0.64 29.68
CA ASP A 195 16.24 -0.02 30.74
C ASP A 195 15.16 0.92 30.22
N LEU A 196 15.12 1.16 28.91
CA LEU A 196 14.09 2.01 28.33
C LEU A 196 12.73 1.33 28.38
N ASP A 197 11.69 2.12 28.66
CA ASP A 197 10.32 1.65 28.52
C ASP A 197 10.04 1.41 27.04
N LYS A 198 10.13 0.15 26.62
CA LYS A 198 9.98 -0.18 25.21
C LYS A 198 9.12 -1.43 25.07
N ALA A 199 8.68 -1.69 23.84
CA ALA A 199 7.88 -2.87 23.55
C ALA A 199 7.95 -3.15 22.06
N TYR A 200 8.09 -4.43 21.71
CA TYR A 200 8.05 -4.87 20.33
C TYR A 200 6.77 -5.69 20.12
N MET A 201 6.01 -5.34 19.10
CA MET A 201 4.77 -6.02 18.77
C MET A 201 4.82 -6.46 17.32
N GLU A 202 4.60 -7.75 17.07
CA GLU A 202 4.63 -8.31 15.73
C GLU A 202 3.22 -8.69 15.32
N LEU A 203 2.76 -8.11 14.22
CA LEU A 203 1.42 -8.38 13.71
C LEU A 203 1.43 -9.69 12.93
N ARG A 204 0.52 -10.59 13.27
CA ARG A 204 0.51 -11.95 12.65
C ARG A 204 0.09 -11.95 11.17
N GLY A 205 0.84 -12.64 10.32
CA GLY A 205 0.52 -12.81 8.89
C GLY A 205 0.49 -11.53 8.09
N ALA A 206 1.10 -10.49 8.62
CA ALA A 206 0.99 -9.16 7.99
C ALA A 206 2.12 -8.88 7.00
N SER A 207 1.76 -8.20 5.94
CA SER A 207 2.75 -7.73 4.96
C SER A 207 3.24 -6.33 5.37
N HIS A 208 4.14 -5.77 4.59
CA HIS A 208 4.68 -4.42 4.82
C HIS A 208 3.60 -3.35 4.71
N LEU A 209 2.51 -3.65 4.00
CA LEU A 209 1.46 -2.64 3.70
C LEU A 209 0.35 -2.55 4.78
N VAL A 210 0.50 -3.24 5.91
CA VAL A 210 -0.58 -3.28 6.95
C VAL A 210 -0.96 -1.88 7.45
N SER A 211 -0.01 -0.96 7.52
CA SER A 211 -0.22 0.39 8.08
C SER A 211 -0.83 1.34 7.04
N ASN A 212 -0.94 0.90 5.79
CA ASN A 212 -1.44 1.79 4.70
C ASN A 212 -2.97 1.69 4.63
N THR A 213 -3.57 0.88 5.49
CA THR A 213 -5.03 0.68 5.53
C THR A 213 -5.43 0.54 7.00
N PRO A 214 -6.65 0.95 7.37
CA PRO A 214 -7.09 0.88 8.77
C PRO A 214 -6.84 -0.51 9.41
N ASP A 215 -5.88 -0.59 10.33
CA ASP A 215 -5.57 -1.84 11.05
C ASP A 215 -5.84 -1.58 12.54
N THR A 216 -6.85 -2.25 13.10
CA THR A 216 -7.31 -1.97 14.48
C THR A 216 -6.22 -2.26 15.52
N THR A 217 -5.49 -3.36 15.35
CA THR A 217 -4.38 -3.74 16.26
C THR A 217 -3.35 -2.60 16.28
N THR A 218 -2.96 -2.12 15.11
CA THR A 218 -1.99 -1.02 14.95
C THR A 218 -2.52 0.22 15.70
N ALA A 219 -3.80 0.55 15.53
CA ALA A 219 -4.42 1.73 16.16
C ALA A 219 -4.51 1.61 17.70
N LYS A 220 -5.01 0.48 18.21
CA LYS A 220 -5.28 0.30 19.66
C LYS A 220 -4.02 0.40 20.52
N TYR A 221 -2.92 -0.20 20.08
CA TYR A 221 -1.67 -0.23 20.88
C TYR A 221 -0.92 1.09 20.70
N SER A 222 -1.01 1.67 19.49
CA SER A 222 -0.45 3.01 19.25
C SER A 222 -1.15 4.04 20.17
N ILE A 223 -2.47 3.90 20.39
CA ILE A 223 -3.25 4.79 21.29
C ILE A 223 -2.81 4.53 22.75
N ALA A 224 -2.74 3.26 23.12
CA ALA A 224 -2.30 2.89 24.48
C ALA A 224 -0.92 3.50 24.77
N TRP A 225 0.02 3.31 23.86
CA TRP A 225 1.40 3.86 24.01
C TRP A 225 1.37 5.39 24.16
N LEU A 226 0.69 6.07 23.24
CA LEU A 226 0.58 7.54 23.29
C LEU A 226 -0.08 8.00 24.61
N LYS A 227 -1.11 7.29 25.08
CA LYS A 227 -1.75 7.60 26.39
C LYS A 227 -0.78 7.39 27.57
N ARG A 228 -0.23 6.19 27.75
CA ARG A 228 0.72 5.87 28.85
C ARG A 228 1.96 6.78 28.84
N PHE A 229 2.37 7.25 27.67
CA PHE A 229 3.67 7.98 27.62
C PHE A 229 3.55 9.48 27.28
N VAL A 230 2.66 9.87 26.36
CA VAL A 230 2.46 11.32 26.07
C VAL A 230 1.61 11.94 27.19
N ASP A 231 0.68 11.18 27.76
CA ASP A 231 -0.21 11.68 28.86
C ASP A 231 0.16 11.06 30.21
N ASP A 232 1.17 10.21 30.27
CA ASP A 232 1.58 9.52 31.52
C ASP A 232 0.34 8.83 32.10
N ASP A 233 -0.60 8.44 31.24
CA ASP A 233 -1.90 7.87 31.68
C ASP A 233 -1.76 6.40 32.09
N LEU A 234 -1.72 6.16 33.38
CA LEU A 234 -1.50 4.79 33.93
C LEU A 234 -2.73 3.91 33.69
N ARG A 235 -3.84 4.47 33.28
CA ARG A 235 -5.05 3.68 32.95
C ARG A 235 -4.82 2.81 31.70
N TYR A 236 -3.90 3.20 30.81
CA TYR A 236 -3.66 2.45 29.54
C TYR A 236 -2.56 1.36 29.68
N GLU A 237 -1.87 1.30 30.81
CA GLU A 237 -0.82 0.25 31.06
C GLU A 237 -1.45 -1.16 31.01
N GLN A 238 -2.72 -1.29 31.38
CA GLN A 238 -3.45 -2.60 31.35
C GLN A 238 -3.39 -3.21 29.95
N PHE A 239 -3.32 -2.39 28.92
CA PHE A 239 -3.31 -2.88 27.50
C PHE A 239 -1.89 -3.21 27.03
N LEU A 240 -0.85 -2.81 27.78
CA LEU A 240 0.56 -3.02 27.37
C LEU A 240 1.24 -4.05 28.26
N CYS A 241 0.80 -4.16 29.50
CA CYS A 241 1.41 -5.03 30.52
C CYS A 241 0.28 -5.84 31.19
N PRO A 242 0.29 -7.17 31.02
CA PRO A 242 1.31 -7.81 30.26
C PRO A 242 1.03 -7.85 28.75
N ALA A 243 1.55 -8.88 28.09
CA ALA A 243 1.33 -9.06 26.66
C ALA A 243 -0.16 -9.10 26.34
N PRO A 244 -0.58 -8.32 25.34
CA PRO A 244 -1.95 -8.39 24.89
C PRO A 244 -2.40 -9.81 24.45
N ASP A 245 -3.66 -10.13 24.71
CA ASP A 245 -4.21 -11.44 24.28
C ASP A 245 -4.74 -11.41 22.84
N ASP A 246 -3.99 -10.96 21.84
CA ASP A 246 -4.61 -10.85 20.49
C ASP A 246 -4.01 -11.87 19.53
N PHE A 247 -4.86 -12.53 18.78
CA PHE A 247 -4.39 -13.46 17.74
C PHE A 247 -3.61 -12.62 16.72
N ALA A 248 -4.00 -11.35 16.54
CA ALA A 248 -3.35 -10.46 15.55
C ALA A 248 -1.87 -10.26 15.88
N ILE A 249 -1.47 -10.55 17.12
CA ILE A 249 -0.06 -10.37 17.55
C ILE A 249 0.66 -11.72 17.46
N SER A 250 1.71 -11.75 16.66
CA SER A 250 2.49 -12.99 16.52
C SER A 250 3.55 -13.11 17.60
N GLU A 251 4.21 -12.01 17.94
CA GLU A 251 5.25 -12.02 18.97
C GLU A 251 5.16 -10.73 19.77
N TYR A 252 5.70 -10.77 21.00
CA TYR A 252 5.62 -9.61 21.89
C TYR A 252 6.68 -9.72 22.98
N ARG A 253 7.43 -8.64 23.12
CA ARG A 253 8.43 -8.52 24.20
C ARG A 253 8.35 -7.06 24.68
N SER A 254 8.37 -6.84 25.99
CA SER A 254 8.27 -5.50 26.62
C SER A 254 9.19 -5.34 27.83
N THR A 255 9.24 -4.14 28.39
CA THR A 255 10.00 -3.83 29.63
C THR A 255 8.92 -3.52 30.68
N CYS A 256 7.76 -4.15 30.53
CA CYS A 256 6.64 -3.97 31.48
C CYS A 256 7.12 -4.56 32.83
N PRO A 257 6.50 -4.21 33.97
CA PRO A 257 5.76 -2.96 34.09
C PRO A 257 6.55 -1.68 33.77
N PHE A 258 5.85 -0.66 33.32
CA PHE A 258 6.49 0.65 33.05
C PHE A 258 6.30 1.54 34.29
N ASN B 2 -15.37 -5.29 -36.22
CA ASN B 2 -14.90 -5.85 -34.96
C ASN B 2 -16.00 -5.78 -33.90
N PRO B 3 -16.62 -6.92 -33.60
CA PRO B 3 -17.76 -6.93 -32.68
C PRO B 3 -17.37 -6.79 -31.22
N TYR B 4 -16.11 -7.07 -30.86
CA TYR B 4 -15.69 -7.06 -29.46
C TYR B 4 -15.46 -5.66 -28.91
N GLU B 5 -15.72 -4.61 -29.70
CA GLU B 5 -15.57 -3.25 -29.21
C GLU B 5 -16.64 -2.95 -28.16
N ARG B 6 -16.22 -2.30 -27.07
CA ARG B 6 -17.12 -1.92 -26.00
C ARG B 6 -16.81 -0.50 -25.56
N GLY B 7 -17.84 0.32 -25.44
CA GLY B 7 -17.68 1.67 -24.94
C GLY B 7 -17.39 2.68 -26.03
N PRO B 8 -17.52 3.96 -25.70
CA PRO B 8 -17.31 5.01 -26.70
C PRO B 8 -15.86 5.11 -27.11
N ASP B 9 -15.64 5.78 -28.24
CA ASP B 9 -14.28 6.00 -28.73
C ASP B 9 -13.45 6.68 -27.65
N PRO B 10 -12.21 6.24 -27.42
CA PRO B 10 -11.46 6.68 -26.25
C PRO B 10 -10.72 8.00 -26.46
N THR B 11 -10.44 8.65 -25.33
CA THR B 11 -9.56 9.81 -25.30
C THR B 11 -8.44 9.58 -24.29
N GLU B 12 -7.66 10.61 -23.99
CA GLU B 12 -6.69 10.49 -22.91
C GLU B 12 -7.38 10.57 -21.55
N SER B 13 -8.42 11.38 -21.44
CA SER B 13 -9.12 11.54 -20.17
C SER B 13 -9.98 10.33 -19.83
N SER B 14 -10.53 9.65 -20.83
CA SER B 14 -11.39 8.50 -20.57
C SER B 14 -10.60 7.33 -19.99
N ILE B 15 -9.44 7.04 -20.58
CA ILE B 15 -8.62 5.94 -20.05
C ILE B 15 -8.01 6.33 -18.72
N GLU B 16 -7.80 7.63 -18.47
CA GLU B 16 -7.22 8.08 -17.20
C GLU B 16 -8.24 8.10 -16.07
N ALA B 17 -9.54 8.09 -16.37
CA ALA B 17 -10.55 8.12 -15.33
C ALA B 17 -10.46 6.88 -14.45
N VAL B 18 -10.76 7.04 -13.16
CA VAL B 18 -10.67 5.92 -12.24
C VAL B 18 -11.77 4.91 -12.50
N ARG B 19 -12.95 5.35 -12.92
CA ARG B 19 -14.02 4.47 -13.38
C ARG B 19 -14.34 4.82 -14.82
N GLY B 20 -14.39 3.80 -15.67
CA GLY B 20 -14.79 3.98 -17.04
C GLY B 20 -16.29 4.21 -17.16
N PRO B 21 -16.83 4.00 -18.36
CA PRO B 21 -18.26 4.27 -18.57
C PRO B 21 -19.17 3.21 -17.96
N PHE B 22 -18.78 1.94 -18.07
CA PHE B 22 -19.64 0.84 -17.64
C PHE B 22 -19.73 0.80 -16.12
N ALA B 23 -20.96 0.84 -15.61
CA ALA B 23 -21.17 0.61 -14.19
C ALA B 23 -20.88 -0.85 -13.85
N VAL B 24 -20.29 -1.09 -12.69
CA VAL B 24 -19.78 -2.40 -12.35
C VAL B 24 -20.40 -2.89 -11.04
N ALA B 25 -20.51 -4.21 -10.94
CA ALA B 25 -20.94 -4.91 -9.74
C ALA B 25 -19.85 -5.87 -9.30
N GLN B 26 -20.02 -6.46 -8.12
CA GLN B 26 -18.96 -7.31 -7.58
C GLN B 26 -19.54 -8.48 -6.81
N THR B 27 -18.85 -9.62 -6.92
CA THR B 27 -19.17 -10.83 -6.16
C THR B 27 -17.87 -11.42 -5.64
N THR B 28 -17.95 -12.08 -4.49
CA THR B 28 -16.76 -12.63 -3.82
C THR B 28 -16.73 -14.14 -3.97
N VAL B 29 -15.62 -14.65 -4.47
CA VAL B 29 -15.35 -16.08 -4.48
C VAL B 29 -14.55 -16.43 -3.24
N SER B 30 -15.04 -17.36 -2.45
CA SER B 30 -14.43 -17.70 -1.18
C SER B 30 -13.35 -18.77 -1.36
N ARG B 31 -12.57 -18.99 -0.30
CA ARG B 31 -11.52 -20.00 -0.34
C ARG B 31 -12.10 -21.38 -0.61
N LEU B 32 -13.24 -21.70 0.00
CA LEU B 32 -13.91 -22.96 -0.30
C LEU B 32 -14.44 -22.99 -1.74
N GLN B 33 -15.05 -21.89 -2.18
CA GLN B 33 -15.66 -21.81 -3.49
C GLN B 33 -14.64 -21.77 -4.63
N ALA B 34 -13.35 -21.78 -4.33
CA ALA B 34 -12.31 -21.60 -5.33
C ALA B 34 -11.45 -22.86 -5.41
N ASP B 35 -11.41 -23.47 -6.59
CA ASP B 35 -10.54 -24.60 -6.86
C ASP B 35 -9.34 -24.10 -7.65
N GLY B 36 -8.16 -24.16 -7.04
CA GLY B 36 -6.92 -23.80 -7.69
C GLY B 36 -6.31 -22.50 -7.21
N PHE B 37 -7.09 -21.64 -6.55
CA PHE B 37 -6.57 -20.37 -6.03
C PHE B 37 -7.20 -20.13 -4.66
N GLY B 38 -6.91 -18.97 -4.08
CA GLY B 38 -7.33 -18.68 -2.72
C GLY B 38 -8.51 -17.74 -2.61
N GLY B 39 -9.40 -17.75 -3.59
CA GLY B 39 -10.55 -16.87 -3.60
C GLY B 39 -10.27 -15.56 -4.30
N GLY B 40 -11.24 -14.67 -4.21
CA GLY B 40 -11.08 -13.36 -4.79
C GLY B 40 -12.40 -12.62 -4.92
N THR B 41 -12.34 -11.50 -5.63
CA THR B 41 -13.50 -10.65 -5.89
C THR B 41 -13.60 -10.39 -7.37
N ILE B 42 -14.75 -10.67 -7.96
CA ILE B 42 -15.00 -10.49 -9.38
C ILE B 42 -15.72 -9.17 -9.58
N TYR B 43 -15.14 -8.29 -10.38
CA TYR B 43 -15.77 -7.03 -10.77
C TYR B 43 -16.20 -7.13 -12.23
N TYR B 44 -17.46 -6.80 -12.51
CA TYR B 44 -18.02 -7.01 -13.83
C TYR B 44 -19.02 -5.91 -14.15
N PRO B 45 -19.15 -5.56 -15.43
CA PRO B 45 -20.15 -4.54 -15.80
C PRO B 45 -21.56 -5.11 -15.82
N THR B 46 -22.52 -4.30 -15.39
CA THR B 46 -23.91 -4.73 -15.39
C THR B 46 -24.54 -4.63 -16.76
N ASP B 47 -24.19 -3.61 -17.53
CA ASP B 47 -24.74 -3.45 -18.87
C ASP B 47 -24.31 -4.61 -19.75
N THR B 48 -25.29 -5.30 -20.33
CA THR B 48 -25.05 -6.35 -21.30
C THR B 48 -25.50 -5.96 -22.70
N SER B 49 -26.21 -4.83 -22.85
CA SER B 49 -26.73 -4.38 -24.15
C SER B 49 -25.59 -4.05 -25.11
N GLN B 50 -24.38 -4.40 -24.76
CA GLN B 50 -23.23 -4.23 -25.63
C GLN B 50 -22.60 -5.55 -26.04
N GLY B 51 -22.95 -6.66 -25.39
CA GLY B 51 -22.33 -7.93 -25.66
C GLY B 51 -21.70 -8.54 -24.42
N THR B 52 -20.86 -9.54 -24.60
CA THR B 52 -20.08 -10.10 -23.49
C THR B 52 -18.70 -9.46 -23.46
N PHE B 53 -18.06 -9.53 -22.30
CA PHE B 53 -16.77 -8.89 -22.11
C PHE B 53 -15.66 -9.92 -21.97
N GLY B 54 -14.43 -9.44 -22.18
CA GLY B 54 -13.27 -10.26 -21.88
C GLY B 54 -13.01 -10.35 -20.39
N ALA B 55 -12.18 -11.31 -20.01
CA ALA B 55 -11.89 -11.60 -18.61
C ALA B 55 -10.42 -11.34 -18.31
N VAL B 56 -10.15 -10.82 -17.11
CA VAL B 56 -8.80 -10.55 -16.64
C VAL B 56 -8.67 -11.06 -15.21
N ALA B 57 -7.52 -11.63 -14.89
CA ALA B 57 -7.19 -12.07 -13.54
C ALA B 57 -5.94 -11.35 -13.06
N ILE B 58 -5.98 -10.88 -11.81
CA ILE B 58 -4.88 -10.12 -11.23
C ILE B 58 -4.42 -10.79 -9.95
N SER B 59 -3.10 -11.00 -9.83
CA SER B 59 -2.50 -11.65 -8.67
C SER B 59 -1.63 -10.68 -7.88
N PRO B 60 -1.67 -10.74 -6.56
CA PRO B 60 -0.76 -9.95 -5.74
C PRO B 60 0.61 -10.62 -5.66
N GLY B 61 1.54 -9.97 -4.95
CA GLY B 61 2.91 -10.43 -4.85
C GLY B 61 3.16 -11.27 -3.60
N PHE B 62 4.45 -11.49 -3.35
CA PHE B 62 4.88 -12.31 -2.24
C PHE B 62 4.42 -11.72 -0.91
N THR B 63 3.79 -12.55 -0.08
CA THR B 63 3.29 -12.19 1.25
C THR B 63 2.13 -11.21 1.20
N ALA B 64 1.79 -10.72 0.02
CA ALA B 64 0.71 -9.75 -0.11
C ALA B 64 -0.63 -10.46 -0.26
N GLY B 65 -1.70 -9.72 0.09
CA GLY B 65 -3.05 -10.20 -0.09
C GLY B 65 -3.74 -9.51 -1.26
N GLN B 66 -5.01 -9.88 -1.45
CA GLN B 66 -5.82 -9.30 -2.52
C GLN B 66 -5.88 -7.78 -2.41
N GLU B 67 -5.85 -7.25 -1.19
CA GLU B 67 -5.95 -5.81 -0.99
C GLU B 67 -4.84 -5.06 -1.72
N SER B 68 -3.67 -5.67 -1.87
CA SER B 68 -2.53 -4.97 -2.44
C SER B 68 -2.74 -4.55 -3.89
N ILE B 69 -3.74 -5.11 -4.57
CA ILE B 69 -3.97 -4.81 -5.98
C ILE B 69 -5.45 -4.62 -6.25
N ALA B 70 -6.23 -4.44 -5.18
CA ALA B 70 -7.69 -4.41 -5.32
C ALA B 70 -8.16 -3.25 -6.19
N TRP B 71 -7.45 -2.12 -6.16
CA TRP B 71 -7.88 -0.96 -6.93
C TRP B 71 -7.87 -1.22 -8.44
N LEU B 72 -7.10 -2.20 -8.90
CA LEU B 72 -7.04 -2.49 -10.33
C LEU B 72 -8.31 -3.18 -10.83
N GLY B 73 -9.00 -3.91 -9.95
CA GLY B 73 -10.16 -4.68 -10.33
C GLY B 73 -11.27 -3.86 -10.93
N PRO B 74 -11.90 -2.99 -10.13
CA PRO B 74 -13.00 -2.17 -10.66
C PRO B 74 -12.53 -1.09 -11.62
N ARG B 75 -11.28 -0.64 -11.53
CA ARG B 75 -10.78 0.38 -12.46
C ARG B 75 -10.72 -0.17 -13.88
N ILE B 76 -10.36 -1.44 -14.03
CA ILE B 76 -10.30 -2.04 -15.36
C ILE B 76 -11.67 -2.52 -15.80
N ALA B 77 -12.43 -3.14 -14.89
CA ALA B 77 -13.75 -3.66 -15.23
C ALA B 77 -14.69 -2.55 -15.68
N SER B 78 -14.54 -1.35 -15.11
CA SER B 78 -15.38 -0.22 -15.50
C SER B 78 -15.13 0.20 -16.94
N GLN B 79 -14.01 -0.21 -17.53
CA GLN B 79 -13.76 0.06 -18.94
C GLN B 79 -14.39 -0.96 -19.86
N GLY B 80 -14.98 -2.02 -19.31
CA GLY B 80 -15.60 -3.06 -20.12
C GLY B 80 -14.86 -4.39 -20.04
N PHE B 81 -14.68 -4.90 -18.83
CA PHE B 81 -13.97 -6.15 -18.62
C PHE B 81 -14.55 -6.84 -17.40
N VAL B 82 -14.35 -8.16 -17.34
CA VAL B 82 -14.63 -8.94 -16.14
C VAL B 82 -13.30 -9.25 -15.47
N VAL B 83 -13.10 -8.72 -14.28
CA VAL B 83 -11.82 -8.78 -13.59
C VAL B 83 -12.02 -9.44 -12.24
N ILE B 84 -11.19 -10.45 -11.95
CA ILE B 84 -11.15 -11.09 -10.64
C ILE B 84 -9.80 -10.79 -10.01
N THR B 85 -9.83 -10.14 -8.85
CA THR B 85 -8.64 -9.93 -8.04
C THR B 85 -8.57 -11.06 -7.03
N ILE B 86 -7.48 -11.82 -7.04
CA ILE B 86 -7.42 -13.08 -6.34
C ILE B 86 -6.55 -12.96 -5.09
N ASP B 87 -6.75 -13.90 -4.18
CA ASP B 87 -5.80 -14.24 -3.14
C ASP B 87 -5.08 -15.53 -3.54
N THR B 88 -3.86 -15.68 -3.07
CA THR B 88 -3.14 -16.92 -3.32
C THR B 88 -3.47 -17.94 -2.24
N ILE B 89 -3.27 -19.22 -2.59
CA ILE B 89 -3.60 -20.30 -1.66
C ILE B 89 -2.83 -20.12 -0.36
N THR B 90 -1.54 -19.80 -0.46
CA THR B 90 -0.75 -19.36 0.68
C THR B 90 -0.06 -18.06 0.33
N ARG B 91 0.26 -17.27 1.37
CA ARG B 91 0.92 -15.99 1.15
C ARG B 91 2.33 -16.14 0.61
N LEU B 92 2.91 -17.34 0.70
CA LEU B 92 4.29 -17.57 0.31
C LEU B 92 4.40 -18.31 -1.03
N ASP B 93 3.33 -18.31 -1.82
CA ASP B 93 3.35 -19.01 -3.10
C ASP B 93 4.35 -18.37 -4.05
N GLN B 94 4.98 -19.23 -4.83
CA GLN B 94 6.02 -18.82 -5.79
C GLN B 94 5.39 -18.43 -7.14
N PRO B 95 6.17 -17.82 -8.05
CA PRO B 95 5.61 -17.33 -9.33
C PRO B 95 4.94 -18.41 -10.19
N ASP B 96 5.51 -19.62 -10.18
CA ASP B 96 4.91 -20.75 -10.94
C ASP B 96 3.51 -21.11 -10.37
N SER B 97 3.39 -21.26 -9.04
CA SER B 97 2.05 -21.49 -8.40
C SER B 97 1.12 -20.32 -8.70
N ARG B 98 1.64 -19.11 -8.61
CA ARG B 98 0.86 -17.88 -8.89
C ARG B 98 0.28 -17.90 -10.33
N GLY B 99 1.05 -18.35 -11.29
CA GLY B 99 0.54 -18.49 -12.67
C GLY B 99 -0.54 -19.54 -12.81
N ARG B 100 -0.36 -20.68 -12.14
CA ARG B 100 -1.37 -21.75 -12.18
C ARG B 100 -2.65 -21.22 -11.50
N GLN B 101 -2.48 -20.46 -10.44
CA GLN B 101 -3.63 -19.92 -9.69
C GLN B 101 -4.33 -18.86 -10.55
N LEU B 102 -3.55 -18.12 -11.33
CA LEU B 102 -4.20 -17.20 -12.26
C LEU B 102 -5.03 -17.96 -13.28
N GLN B 103 -4.46 -19.02 -13.84
CA GLN B 103 -5.19 -19.85 -14.81
C GLN B 103 -6.46 -20.42 -14.19
N ALA B 104 -6.38 -20.89 -12.95
CA ALA B 104 -7.54 -21.47 -12.30
C ALA B 104 -8.60 -20.40 -11.99
N ALA B 105 -8.17 -19.16 -11.76
CA ALA B 105 -9.13 -18.09 -11.51
C ALA B 105 -9.97 -17.79 -12.74
N LEU B 106 -9.33 -17.77 -13.92
CA LEU B 106 -10.07 -17.58 -15.17
C LEU B 106 -10.98 -18.78 -15.43
N ASP B 107 -10.46 -20.00 -15.26
CA ASP B 107 -11.26 -21.19 -15.45
C ASP B 107 -12.48 -21.20 -14.52
N HIS B 108 -12.35 -20.60 -13.35
CA HIS B 108 -13.50 -20.44 -12.47
C HIS B 108 -14.53 -19.49 -13.08
N LEU B 109 -14.06 -18.48 -13.82
CA LEU B 109 -14.98 -17.56 -14.48
C LEU B 109 -15.81 -18.26 -15.54
N ARG B 110 -15.26 -19.30 -16.17
CA ARG B 110 -16.00 -20.12 -17.12
C ARG B 110 -17.36 -20.52 -16.57
N THR B 111 -17.40 -20.94 -15.30
CA THR B 111 -18.58 -21.56 -14.72
C THR B 111 -19.17 -20.80 -13.54
N ASN B 112 -18.63 -19.63 -13.20
CA ASN B 112 -19.21 -18.84 -12.11
C ASN B 112 -20.64 -18.46 -12.44
N SER B 113 -21.50 -18.50 -11.42
CA SER B 113 -22.94 -18.37 -11.65
C SER B 113 -23.32 -16.94 -12.00
N VAL B 114 -22.80 -15.96 -11.27
CA VAL B 114 -23.21 -14.57 -11.47
C VAL B 114 -22.63 -13.98 -12.74
N VAL B 115 -21.62 -14.63 -13.34
CA VAL B 115 -20.77 -13.97 -14.32
C VAL B 115 -20.64 -14.70 -15.64
N ARG B 116 -20.90 -16.01 -15.74
CA ARG B 116 -20.60 -16.74 -16.97
C ARG B 116 -21.41 -16.25 -18.17
N ASN B 117 -22.57 -15.63 -17.93
CA ASN B 117 -23.35 -15.08 -19.03
C ASN B 117 -22.87 -13.70 -19.46
N ARG B 118 -21.90 -13.13 -18.76
CA ARG B 118 -21.37 -11.80 -19.08
C ARG B 118 -19.94 -11.87 -19.60
N ILE B 119 -19.44 -13.05 -19.91
CA ILE B 119 -18.05 -13.26 -20.30
C ILE B 119 -17.99 -13.86 -21.70
N ASP B 120 -16.97 -13.45 -22.45
CA ASP B 120 -16.54 -14.18 -23.64
C ASP B 120 -15.42 -15.12 -23.22
N PRO B 121 -15.68 -16.40 -22.97
CA PRO B 121 -14.63 -17.29 -22.45
C PRO B 121 -13.47 -17.52 -23.41
N ASN B 122 -13.52 -16.97 -24.61
CA ASN B 122 -12.45 -17.12 -25.59
C ASN B 122 -11.43 -16.00 -25.53
N ARG B 123 -11.66 -14.97 -24.71
CA ARG B 123 -10.86 -13.75 -24.69
C ARG B 123 -10.51 -13.44 -23.24
N MET B 124 -9.33 -13.90 -22.79
CA MET B 124 -8.91 -13.74 -21.41
C MET B 124 -7.48 -13.20 -21.34
N ALA B 125 -7.16 -12.61 -20.18
CA ALA B 125 -5.84 -12.05 -19.92
C ALA B 125 -5.49 -12.27 -18.46
N VAL B 126 -4.22 -12.04 -18.13
CA VAL B 126 -3.72 -12.20 -16.77
C VAL B 126 -2.82 -11.03 -16.43
N MET B 127 -2.88 -10.58 -15.17
CA MET B 127 -1.97 -9.55 -14.67
C MET B 127 -1.48 -9.96 -13.29
N GLY B 128 -0.40 -9.31 -12.85
CA GLY B 128 0.17 -9.60 -11.55
C GLY B 128 1.24 -8.61 -11.13
N HIS B 129 1.41 -8.43 -9.82
CA HIS B 129 2.40 -7.53 -9.27
C HIS B 129 3.54 -8.33 -8.65
N SER B 130 4.77 -7.98 -9.01
CA SER B 130 5.98 -8.59 -8.45
C SER B 130 5.96 -10.09 -8.73
N MET B 131 5.95 -10.96 -7.72
CA MET B 131 5.88 -12.40 -7.97
C MET B 131 4.60 -12.77 -8.72
N GLY B 132 3.51 -12.06 -8.49
CA GLY B 132 2.32 -12.25 -9.30
C GLY B 132 2.55 -11.88 -10.75
N GLY B 133 3.48 -10.96 -11.01
CA GLY B 133 3.82 -10.63 -12.38
C GLY B 133 4.58 -11.76 -13.06
N GLY B 134 5.49 -12.42 -12.34
CA GLY B 134 6.12 -13.61 -12.89
C GLY B 134 5.11 -14.71 -13.15
N GLY B 135 4.09 -14.82 -12.30
CA GLY B 135 3.03 -15.77 -12.56
C GLY B 135 2.23 -15.43 -13.80
N ALA B 136 1.94 -14.14 -14.00
CA ALA B 136 1.26 -13.71 -15.22
C ALA B 136 2.04 -14.14 -16.46
N LEU B 137 3.37 -14.09 -16.38
CA LEU B 137 4.20 -14.55 -17.49
C LEU B 137 4.16 -16.07 -17.61
N SER B 138 4.20 -16.77 -16.48
CA SER B 138 4.15 -18.23 -16.52
C SER B 138 2.81 -18.73 -17.05
N ALA B 139 1.72 -18.10 -16.61
CA ALA B 139 0.41 -18.45 -17.16
C ALA B 139 0.34 -18.18 -18.65
N ALA B 140 1.08 -17.18 -19.14
CA ALA B 140 1.16 -16.93 -20.57
C ALA B 140 2.00 -17.99 -21.26
N ALA B 141 3.13 -18.36 -20.66
CA ALA B 141 4.03 -19.37 -21.22
C ALA B 141 3.48 -20.78 -21.09
N ASN B 142 2.34 -20.97 -20.43
CA ASN B 142 1.69 -22.28 -20.33
C ASN B 142 0.30 -22.27 -20.93
N ASN B 143 -0.06 -21.22 -21.68
CA ASN B 143 -1.39 -21.12 -22.29
C ASN B 143 -1.29 -20.05 -23.38
N THR B 144 -1.02 -20.50 -24.62
CA THR B 144 -0.87 -19.59 -25.75
C THR B 144 -2.18 -18.98 -26.22
N SER B 145 -3.32 -19.46 -25.71
CA SER B 145 -4.60 -18.85 -26.08
C SER B 145 -4.86 -17.53 -25.36
N LEU B 146 -4.03 -17.14 -24.40
CA LEU B 146 -4.28 -15.90 -23.67
C LEU B 146 -4.07 -14.71 -24.59
N GLU B 147 -4.92 -13.69 -24.41
CA GLU B 147 -4.94 -12.53 -25.28
C GLU B 147 -4.02 -11.41 -24.81
N ALA B 148 -3.71 -11.35 -23.51
CA ALA B 148 -2.86 -10.29 -23.00
C ALA B 148 -2.23 -10.74 -21.68
N ALA B 149 -1.08 -10.16 -21.36
CA ALA B 149 -0.39 -10.44 -20.12
C ALA B 149 0.38 -9.20 -19.70
N ILE B 150 0.19 -8.76 -18.46
CA ILE B 150 0.79 -7.52 -17.98
C ILE B 150 1.48 -7.74 -16.64
N PRO B 151 2.77 -8.08 -16.62
CA PRO B 151 3.50 -8.14 -15.34
C PRO B 151 3.84 -6.73 -14.87
N LEU B 152 3.56 -6.45 -13.59
CA LEU B 152 3.84 -5.16 -12.97
C LEU B 152 4.98 -5.33 -11.98
N GLN B 153 6.14 -4.72 -12.28
CA GLN B 153 7.35 -4.88 -11.48
C GLN B 153 7.63 -6.37 -11.23
N GLY B 154 7.49 -7.16 -12.29
CA GLY B 154 7.45 -8.61 -12.12
C GLY B 154 8.73 -9.16 -11.52
N TRP B 155 8.58 -10.25 -10.77
CA TRP B 155 9.67 -10.95 -10.14
C TRP B 155 9.62 -12.42 -10.55
N HIS B 156 10.78 -12.97 -10.91
CA HIS B 156 10.88 -14.37 -11.31
C HIS B 156 12.35 -14.73 -11.41
N THR B 157 12.68 -15.96 -11.01
CA THR B 157 14.02 -16.48 -11.26
C THR B 157 14.24 -16.75 -12.73
N ARG B 158 13.18 -17.08 -13.46
CA ARG B 158 13.29 -17.40 -14.87
C ARG B 158 13.28 -16.11 -15.69
N LYS B 159 14.27 -15.96 -16.56
CA LYS B 159 14.40 -14.76 -17.38
C LYS B 159 14.04 -14.98 -18.84
N ASN B 160 14.14 -16.22 -19.35
CA ASN B 160 13.89 -16.51 -20.75
C ASN B 160 12.39 -16.76 -20.93
N TRP B 161 11.76 -15.99 -21.81
CA TRP B 161 10.34 -16.11 -22.11
C TRP B 161 10.11 -16.18 -23.61
N SER B 162 10.97 -16.90 -24.33
CA SER B 162 10.79 -17.05 -25.76
C SER B 162 9.54 -17.84 -26.09
N SER B 163 9.07 -18.67 -25.15
CA SER B 163 7.89 -19.50 -25.40
C SER B 163 6.60 -18.70 -25.38
N VAL B 164 6.59 -17.52 -24.76
CA VAL B 164 5.38 -16.73 -24.65
C VAL B 164 4.90 -16.34 -26.04
N ARG B 165 3.60 -16.53 -26.29
CA ARG B 165 2.99 -16.13 -27.55
C ARG B 165 1.86 -15.14 -27.33
N THR B 166 1.79 -14.54 -26.14
CA THR B 166 0.72 -13.67 -25.72
C THR B 166 1.22 -12.23 -25.67
N PRO B 167 0.47 -11.27 -26.23
CA PRO B 167 0.90 -9.86 -26.17
C PRO B 167 1.19 -9.42 -24.75
N THR B 168 2.43 -9.02 -24.49
CA THR B 168 2.92 -8.80 -23.14
C THR B 168 3.35 -7.35 -22.97
N LEU B 169 2.77 -6.67 -21.98
CA LEU B 169 3.17 -5.34 -21.58
C LEU B 169 3.94 -5.44 -20.27
N VAL B 170 5.22 -5.10 -20.30
CA VAL B 170 6.10 -5.19 -19.14
C VAL B 170 6.21 -3.81 -18.52
N VAL B 171 5.67 -3.64 -17.32
CA VAL B 171 5.72 -2.38 -16.59
C VAL B 171 6.78 -2.50 -15.51
N GLY B 172 7.83 -1.70 -15.63
CA GLY B 172 8.86 -1.66 -14.62
C GLY B 172 8.84 -0.37 -13.82
N ALA B 173 9.42 -0.39 -12.63
CA ALA B 173 9.56 0.80 -11.79
C ALA B 173 11.01 1.24 -11.83
N GLN B 174 11.23 2.51 -12.19
CA GLN B 174 12.59 3.00 -12.40
C GLN B 174 13.46 2.82 -11.17
N LEU B 175 12.91 3.10 -9.99
CA LEU B 175 13.66 3.05 -8.74
C LEU B 175 13.40 1.77 -7.95
N ASP B 176 13.07 0.67 -8.65
CA ASP B 176 12.80 -0.59 -7.98
C ASP B 176 14.10 -1.23 -7.51
N THR B 177 14.19 -1.48 -6.20
CA THR B 177 15.33 -2.18 -5.63
C THR B 177 14.96 -3.56 -5.12
N ILE B 178 13.70 -3.98 -5.27
CA ILE B 178 13.26 -5.32 -4.90
C ILE B 178 13.24 -6.25 -6.10
N ALA B 179 12.76 -5.77 -7.24
CA ALA B 179 12.83 -6.49 -8.51
C ALA B 179 13.38 -5.50 -9.54
N PRO B 180 14.69 -5.27 -9.52
CA PRO B 180 15.27 -4.25 -10.41
C PRO B 180 14.99 -4.55 -11.87
N VAL B 181 14.73 -3.49 -12.64
CA VAL B 181 14.31 -3.64 -14.03
C VAL B 181 15.38 -4.34 -14.86
N SER B 182 16.65 -4.10 -14.54
CA SER B 182 17.75 -4.66 -15.34
C SER B 182 17.69 -6.18 -15.36
N SER B 183 17.68 -6.80 -14.18
CA SER B 183 17.69 -8.26 -14.07
C SER B 183 16.29 -8.87 -14.11
N HIS B 184 15.25 -8.06 -14.31
CA HIS B 184 13.89 -8.59 -14.31
C HIS B 184 13.07 -8.06 -15.47
N SER B 185 12.31 -6.99 -15.24
CA SER B 185 11.34 -6.47 -16.20
C SER B 185 11.93 -6.31 -17.60
N GLU B 186 13.05 -5.59 -17.71
CA GLU B 186 13.68 -5.40 -19.02
C GLU B 186 14.16 -6.73 -19.59
N ALA B 187 14.74 -7.58 -18.75
CA ALA B 187 15.19 -8.89 -19.23
C ALA B 187 14.03 -9.72 -19.76
N PHE B 188 12.89 -9.71 -19.06
CA PHE B 188 11.71 -10.39 -19.56
C PHE B 188 11.32 -9.88 -20.94
N TYR B 189 11.39 -8.56 -21.14
CA TYR B 189 11.06 -8.00 -22.44
C TYR B 189 12.08 -8.41 -23.50
N ASN B 190 13.37 -8.43 -23.14
CA ASN B 190 14.41 -8.76 -24.10
C ASN B 190 14.47 -10.25 -24.43
N SER B 191 13.73 -11.09 -23.71
CA SER B 191 13.64 -12.51 -24.02
C SER B 191 12.28 -12.91 -24.56
N LEU B 192 11.32 -11.99 -24.61
CA LEU B 192 10.06 -12.25 -25.29
C LEU B 192 10.32 -12.39 -26.78
N PRO B 193 9.38 -12.98 -27.53
CA PRO B 193 9.55 -13.04 -28.99
C PRO B 193 9.61 -11.64 -29.58
N SER B 194 10.68 -11.38 -30.34
CA SER B 194 10.78 -10.14 -31.09
C SER B 194 9.63 -9.98 -32.08
N ASP B 195 8.98 -11.10 -32.44
CA ASP B 195 7.79 -11.04 -33.29
C ASP B 195 6.57 -10.58 -32.50
N LEU B 196 6.60 -10.76 -31.18
CA LEU B 196 5.42 -10.52 -30.35
C LEU B 196 5.02 -9.06 -30.36
N ASP B 197 3.72 -8.82 -30.21
CA ASP B 197 3.23 -7.49 -29.89
C ASP B 197 3.51 -7.20 -28.43
N LYS B 198 4.68 -6.62 -28.14
CA LYS B 198 5.13 -6.44 -26.78
C LYS B 198 5.59 -4.99 -26.59
N ALA B 199 5.63 -4.57 -25.32
CA ALA B 199 6.05 -3.23 -24.97
C ALA B 199 6.62 -3.22 -23.57
N TYR B 200 7.61 -2.35 -23.35
CA TYR B 200 8.19 -2.13 -22.04
C TYR B 200 8.00 -0.67 -21.65
N MET B 201 7.43 -0.45 -20.46
CA MET B 201 7.15 0.89 -19.97
C MET B 201 7.69 1.02 -18.56
N GLU B 202 8.65 1.93 -18.37
CA GLU B 202 9.25 2.18 -17.07
C GLU B 202 8.64 3.43 -16.46
N LEU B 203 8.13 3.30 -15.23
CA LEU B 203 7.52 4.42 -14.54
C LEU B 203 8.60 5.25 -13.86
N ARG B 204 8.68 6.54 -14.20
CA ARG B 204 9.73 7.39 -13.67
C ARG B 204 9.54 7.61 -12.17
N GLY B 205 10.63 7.44 -11.42
CA GLY B 205 10.61 7.72 -10.00
C GLY B 205 9.74 6.83 -9.16
N ALA B 206 9.38 5.65 -9.68
CA ALA B 206 8.50 4.73 -8.98
C ALA B 206 9.30 3.66 -8.25
N SER B 207 8.83 3.29 -7.07
CA SER B 207 9.45 2.22 -6.30
C SER B 207 8.78 0.89 -6.63
N HIS B 208 9.25 -0.18 -5.98
CA HIS B 208 8.65 -1.49 -6.19
C HIS B 208 7.18 -1.54 -5.81
N LEU B 209 6.74 -0.62 -4.94
CA LEU B 209 5.39 -0.62 -4.40
C LEU B 209 4.45 0.32 -5.15
N VAL B 210 4.82 0.74 -6.35
CA VAL B 210 4.01 1.70 -7.09
C VAL B 210 2.64 1.12 -7.44
N SER B 211 2.56 -0.20 -7.60
CA SER B 211 1.31 -0.85 -7.98
C SER B 211 0.36 -1.06 -6.82
N ASN B 212 0.79 -0.84 -5.59
CA ASN B 212 -0.02 -1.10 -4.41
C ASN B 212 -0.92 0.07 -4.02
N THR B 213 -0.84 1.18 -4.75
CA THR B 213 -1.66 2.37 -4.53
C THR B 213 -2.06 2.86 -5.91
N PRO B 214 -3.30 3.38 -6.07
CA PRO B 214 -3.77 3.82 -7.39
C PRO B 214 -2.76 4.66 -8.16
N ASP B 215 -2.32 4.14 -9.30
CA ASP B 215 -1.35 4.80 -10.17
C ASP B 215 -2.00 5.02 -11.53
N THR B 216 -2.23 6.30 -11.87
CA THR B 216 -2.94 6.61 -13.11
C THR B 216 -2.21 6.08 -14.33
N THR B 217 -0.88 6.18 -14.35
CA THR B 217 -0.11 5.72 -15.50
C THR B 217 -0.23 4.21 -15.68
N THR B 218 -0.15 3.45 -14.59
CA THR B 218 -0.28 2.01 -14.68
C THR B 218 -1.66 1.61 -15.19
N ALA B 219 -2.71 2.23 -14.65
CA ALA B 219 -4.06 1.86 -15.04
C ALA B 219 -4.36 2.25 -16.48
N LYS B 220 -3.95 3.46 -16.89
CA LYS B 220 -4.34 3.96 -18.21
C LYS B 220 -3.77 3.11 -19.34
N TYR B 221 -2.54 2.62 -19.18
CA TYR B 221 -1.90 1.84 -20.23
C TYR B 221 -2.11 0.34 -20.06
N SER B 222 -2.54 -0.10 -18.88
CA SER B 222 -3.06 -1.46 -18.77
C SER B 222 -4.41 -1.57 -19.47
N ILE B 223 -5.24 -0.53 -19.37
CA ILE B 223 -6.53 -0.52 -20.06
C ILE B 223 -6.32 -0.53 -21.57
N ALA B 224 -5.39 0.30 -22.06
CA ALA B 224 -5.15 0.38 -23.50
C ALA B 224 -4.61 -0.94 -24.04
N TRP B 225 -3.75 -1.60 -23.28
CA TRP B 225 -3.25 -2.91 -23.69
C TRP B 225 -4.38 -3.93 -23.70
N LEU B 226 -5.21 -3.92 -22.65
CA LEU B 226 -6.32 -4.87 -22.58
C LEU B 226 -7.35 -4.58 -23.68
N LYS B 227 -7.64 -3.31 -23.93
CA LYS B 227 -8.56 -2.97 -25.01
C LYS B 227 -8.00 -3.41 -26.36
N ARG B 228 -6.75 -3.07 -26.63
CA ARG B 228 -6.14 -3.37 -27.92
C ARG B 228 -6.08 -4.86 -28.20
N PHE B 229 -5.74 -5.66 -27.19
CA PHE B 229 -5.36 -7.05 -27.42
C PHE B 229 -6.38 -8.07 -26.93
N VAL B 230 -7.32 -7.69 -26.06
CA VAL B 230 -8.39 -8.58 -25.66
C VAL B 230 -9.68 -8.28 -26.43
N ASP B 231 -9.99 -7.00 -26.61
CA ASP B 231 -11.14 -6.59 -27.40
C ASP B 231 -10.79 -6.36 -28.87
N ASP B 232 -9.54 -6.61 -29.25
CA ASP B 232 -9.07 -6.39 -30.63
C ASP B 232 -9.43 -4.98 -31.09
N ASP B 233 -9.26 -4.02 -30.19
CA ASP B 233 -9.79 -2.66 -30.36
C ASP B 233 -8.68 -1.77 -30.90
N LEU B 234 -8.68 -1.53 -32.21
CA LEU B 234 -7.69 -0.68 -32.84
C LEU B 234 -7.82 0.79 -32.43
N ARG B 235 -8.91 1.16 -31.75
CA ARG B 235 -9.07 2.52 -31.26
C ARG B 235 -8.05 2.86 -30.17
N TYR B 236 -7.46 1.85 -29.53
CA TYR B 236 -6.55 2.05 -28.41
C TYR B 236 -5.09 1.87 -28.77
N GLU B 237 -4.80 1.53 -30.03
CA GLU B 237 -3.41 1.50 -30.47
C GLU B 237 -2.77 2.89 -30.42
N GLN B 238 -3.58 3.94 -30.56
CA GLN B 238 -3.06 5.30 -30.54
C GLN B 238 -2.31 5.60 -29.25
N PHE B 239 -2.75 5.00 -28.14
CA PHE B 239 -2.17 5.30 -26.81
C PHE B 239 -0.89 4.48 -26.57
N LEU B 240 -0.59 3.53 -27.44
CA LEU B 240 0.54 2.58 -27.23
C LEU B 240 1.58 2.77 -28.32
N CYS B 241 1.21 3.46 -29.38
CA CYS B 241 2.10 3.65 -30.53
C CYS B 241 1.78 5.02 -31.14
N PRO B 242 2.75 5.95 -31.15
CA PRO B 242 4.07 5.66 -30.64
C PRO B 242 4.22 5.79 -29.11
N ALA B 243 5.42 6.12 -28.66
CA ALA B 243 5.67 6.34 -27.21
C ALA B 243 4.77 7.43 -26.66
N PRO B 244 4.00 7.13 -25.61
CA PRO B 244 3.22 8.18 -24.96
C PRO B 244 4.23 9.21 -24.47
N ASP B 245 3.87 10.48 -24.49
CA ASP B 245 4.82 11.55 -24.06
C ASP B 245 4.90 11.66 -22.52
N ASP B 246 4.12 10.88 -21.77
CA ASP B 246 4.06 11.07 -20.30
C ASP B 246 5.42 11.26 -19.64
N PHE B 247 5.50 12.29 -18.79
CA PHE B 247 6.68 12.52 -17.94
C PHE B 247 6.79 11.36 -16.94
N ALA B 248 5.67 10.66 -16.69
CA ALA B 248 5.67 9.50 -15.77
C ALA B 248 6.40 8.29 -16.39
N ILE B 249 6.69 8.35 -17.68
CA ILE B 249 7.32 7.19 -18.37
C ILE B 249 8.80 7.44 -18.61
N SER B 250 9.60 7.09 -17.62
CA SER B 250 11.05 7.06 -17.74
C SER B 250 11.54 6.48 -19.06
N GLU B 251 11.08 5.27 -19.37
CA GLU B 251 11.62 4.50 -20.49
C GLU B 251 10.48 3.82 -21.25
N TYR B 252 10.68 3.64 -22.56
CA TYR B 252 9.66 3.03 -23.41
C TYR B 252 10.30 2.29 -24.57
N ARG B 253 9.81 1.07 -24.81
CA ARG B 253 10.00 0.38 -26.09
C ARG B 253 8.70 -0.33 -26.44
N SER B 254 8.61 -0.76 -27.70
CA SER B 254 7.46 -1.52 -28.18
C SER B 254 7.69 -2.01 -29.60
N THR B 255 7.13 -3.17 -29.93
CA THR B 255 7.23 -3.70 -31.29
C THR B 255 6.18 -3.06 -32.19
N CYS B 256 5.92 -1.77 -31.98
CA CYS B 256 4.95 -1.05 -32.78
C CYS B 256 5.39 -1.01 -34.25
N PRO B 257 4.45 -0.92 -35.19
CA PRO B 257 2.99 -0.91 -34.95
C PRO B 257 2.42 -2.32 -34.80
N PHE B 258 1.31 -2.43 -34.07
CA PHE B 258 0.69 -3.73 -33.84
C PHE B 258 -0.40 -4.01 -34.87
CA J1K C . 10.05 0.64 -1.19
CB J1K C . 15.48 -1.18 -0.20
C1 J1K C . 11.46 0.18 -0.93
C2 J1K C . 11.81 -1.14 -1.12
C3 J1K C . 13.11 -1.58 -0.87
C4 J1K C . 14.08 -0.70 -0.44
C5 J1K C . 13.73 0.63 -0.25
C6 J1K C . 12.44 1.07 -0.50
C7 J1K C . 16.84 -2.65 1.19
C8 J1K C . 17.29 -2.76 2.63
N1B J1K C . 15.78 -1.66 1.00
O1A J1K C . 9.61 1.57 -0.50
O2A J1K C . 9.41 0.09 -2.09
O2B J1K C . 16.33 -1.07 -1.09
O9 J1K C . 16.63 -3.81 3.31
#